data_7QUF
#
_entry.id   7QUF
#
_cell.length_a   72.070
_cell.length_b   83.066
_cell.length_c   115.836
_cell.angle_alpha   90.000
_cell.angle_beta   90.000
_cell.angle_gamma   90.000
#
_symmetry.space_group_name_H-M   'P 21 21 21'
#
loop_
_entity.id
_entity.type
_entity.pdbx_description
1 polymer 'Serine/threonine-protein kinase 17A'
2 non-polymer ~{N}-~{tert}-butyl-7,10-dioxa-13,17,18,21-tetrazatetracyclo[12.5.2.1^{2,6}.0^{17,20}]docosa-1(20),2(22),3,5,14(21),15,18-heptaene-5-carboxamide
3 water water
#
_entity_poly.entity_id   1
_entity_poly.type   'polypeptide(L)'
_entity_poly.pdbx_seq_one_letter_code
;SMVRTEPFQDGYSLCPGRELGRGKFAVVRKCIKKDSGKEFAAKFMRKRRKGQDCRMEIIHEIAVLELAQDNPWVINLHEV
YETASEMILVLEYAAGGEIFDQCVADREEAFKEKDVQRLMRQILEGVHFLHTRDVVHLDLKPQNILLTSESPLGDIKIVD
FGLSRILKNSEELREIMGTPEYVAPEILSYDPISMATDMWSIGVLTYVMLTGISPFLGNDKQETFLNISQMNLSYSEEEF
DVLSESAVDFIRTLLVKKPEDRATAEECLKHPWLT
;
_entity_poly.pdbx_strand_id   A,B
#
loop_
_chem_comp.id
_chem_comp.type
_chem_comp.name
_chem_comp.formula
F8I non-polymer ~{N}-~{tert}-butyl-7,10-dioxa-13,17,18,21-tetrazatetracyclo[12.5.2.1^{2,6}.0^{17,20}]docosa-1(20),2(22),3,5,14(21),15,18-heptaene-5-carboxamide 'C21 H25 N5 O3'
#
# COMPACT_ATOMS: atom_id res chain seq x y z
N SER A 1 -21.63 -18.91 -3.69
CA SER A 1 -21.51 -20.14 -2.91
C SER A 1 -22.63 -20.28 -1.88
N MET A 2 -22.95 -21.53 -1.54
CA MET A 2 -23.60 -21.79 -0.27
C MET A 2 -22.67 -21.41 0.87
N VAL A 3 -23.14 -20.60 1.80
CA VAL A 3 -22.32 -20.10 2.89
C VAL A 3 -22.76 -20.80 4.16
N ARG A 4 -21.84 -21.52 4.80
CA ARG A 4 -22.16 -22.27 6.00
C ARG A 4 -22.00 -21.39 7.23
N THR A 5 -22.96 -21.49 8.15
CA THR A 5 -22.88 -20.78 9.41
C THR A 5 -22.53 -21.67 10.60
N GLU A 6 -22.49 -22.98 10.43
CA GLU A 6 -22.07 -23.86 11.51
C GLU A 6 -20.56 -23.71 11.74
N PRO A 7 -20.09 -23.91 12.97
CA PRO A 7 -18.67 -23.66 13.25
C PRO A 7 -17.74 -24.44 12.32
N PHE A 8 -16.76 -23.74 11.76
CA PHE A 8 -15.76 -24.38 10.91
C PHE A 8 -15.05 -25.50 11.65
N GLN A 9 -14.66 -25.25 12.91
CA GLN A 9 -13.84 -26.24 13.61
C GLN A 9 -14.63 -27.49 14.02
N ASP A 10 -15.92 -27.60 13.69
CA ASP A 10 -16.59 -28.88 13.88
C ASP A 10 -16.32 -29.86 12.75
N GLY A 11 -15.97 -29.36 11.57
CA GLY A 11 -15.67 -30.22 10.45
C GLY A 11 -14.19 -30.39 10.17
N TYR A 12 -13.36 -29.44 10.63
CA TYR A 12 -11.94 -29.47 10.30
C TYR A 12 -11.10 -29.28 11.55
N SER A 13 -9.93 -29.91 11.56
CA SER A 13 -8.90 -29.60 12.54
C SER A 13 -7.80 -28.78 11.86
N LEU A 14 -7.27 -27.78 12.54
CA LEU A 14 -6.19 -26.98 11.97
C LEU A 14 -4.87 -27.70 12.22
N CYS A 15 -4.07 -27.83 11.17
CA CYS A 15 -2.75 -28.41 11.30
C CYS A 15 -1.89 -27.56 12.24
N PRO A 16 -0.92 -28.19 12.93
CA PRO A 16 -0.03 -27.45 13.82
C PRO A 16 1.10 -26.77 13.06
N GLY A 17 1.69 -25.78 13.71
CA GLY A 17 2.83 -25.11 13.14
C GLY A 17 2.46 -23.92 12.28
N ARG A 18 3.48 -23.43 11.55
CA ARG A 18 3.38 -22.16 10.87
C ARG A 18 2.31 -22.20 9.79
N GLU A 19 1.66 -21.05 9.58
CA GLU A 19 0.65 -20.91 8.54
C GLU A 19 1.28 -21.15 7.18
N LEU A 20 0.42 -21.46 6.19
CA LEU A 20 0.89 -21.50 4.81
C LEU A 20 1.30 -20.11 4.33
N GLY A 21 0.46 -19.11 4.53
CA GLY A 21 0.79 -17.83 3.98
C GLY A 21 -0.12 -16.76 4.51
N ARG A 22 0.30 -15.52 4.30
CA ARG A 22 -0.32 -14.40 5.01
C ARG A 22 -0.30 -13.21 4.07
N GLY A 23 -1.42 -12.97 3.41
CA GLY A 23 -1.61 -11.70 2.74
C GLY A 23 -2.17 -10.65 3.67
N LYS A 24 -2.27 -9.43 3.17
CA LYS A 24 -3.11 -8.44 3.82
C LYS A 24 -4.55 -8.96 3.82
N PHE A 25 -5.22 -8.83 4.97
CA PHE A 25 -6.61 -9.22 5.15
C PHE A 25 -6.86 -10.72 4.99
N ALA A 26 -5.83 -11.56 4.90
CA ALA A 26 -6.07 -12.99 4.74
C ALA A 26 -4.91 -13.81 5.30
N VAL A 27 -5.25 -14.96 5.89
CA VAL A 27 -4.32 -15.93 6.46
C VAL A 27 -4.68 -17.31 5.98
N VAL A 28 -3.71 -18.07 5.50
CA VAL A 28 -3.96 -19.41 4.99
C VAL A 28 -3.31 -20.45 5.91
N ARG A 29 -4.13 -21.35 6.45
CA ARG A 29 -3.70 -22.37 7.38
C ARG A 29 -4.08 -23.73 6.84
N LYS A 30 -3.11 -24.64 6.79
CA LYS A 30 -3.38 -26.01 6.39
C LYS A 30 -4.29 -26.65 7.43
N CYS A 31 -5.25 -27.45 6.94
CA CYS A 31 -6.15 -28.11 7.87
C CYS A 31 -6.48 -29.48 7.33
N ILE A 32 -7.12 -30.27 8.20
CA ILE A 32 -7.55 -31.63 7.93
C ILE A 32 -9.04 -31.71 8.18
N LYS A 33 -9.78 -32.21 7.19
CA LYS A 33 -11.20 -32.49 7.37
C LYS A 33 -11.35 -33.76 8.20
N LYS A 34 -12.03 -33.65 9.34
CA LYS A 34 -12.06 -34.71 10.34
C LYS A 34 -12.56 -36.03 9.77
N ASP A 35 -13.83 -36.06 9.37
CA ASP A 35 -14.42 -37.26 8.77
C ASP A 35 -14.06 -37.23 7.29
N SER A 36 -12.82 -37.66 7.01
CA SER A 36 -12.19 -37.65 5.67
C SER A 36 -10.69 -37.92 5.78
N GLY A 37 -10.01 -37.16 6.65
CA GLY A 37 -8.58 -37.14 6.68
C GLY A 37 -7.93 -36.23 5.65
N LYS A 38 -8.69 -35.72 4.69
CA LYS A 38 -8.12 -35.01 3.55
C LYS A 38 -7.54 -33.66 3.97
N GLU A 39 -6.42 -33.30 3.34
CA GLU A 39 -5.83 -31.97 3.50
C GLU A 39 -6.55 -30.95 2.65
N PHE A 40 -6.70 -29.75 3.22
CA PHE A 40 -7.23 -28.57 2.55
C PHE A 40 -6.42 -27.37 3.01
N ALA A 41 -6.65 -26.23 2.38
CA ALA A 41 -6.02 -24.97 2.76
C ALA A 41 -7.12 -23.98 3.08
N ALA A 42 -7.17 -23.53 4.33
CA ALA A 42 -8.30 -22.73 4.83
C ALA A 42 -7.90 -21.27 4.83
N LYS A 43 -8.59 -20.47 4.02
CA LYS A 43 -8.27 -19.06 3.80
C LYS A 43 -9.16 -18.21 4.72
N PHE A 44 -8.61 -17.78 5.84
CA PHE A 44 -9.33 -16.88 6.74
C PHE A 44 -9.26 -15.46 6.19
N MET A 45 -10.40 -14.88 5.88
CA MET A 45 -10.48 -13.53 5.35
C MET A 45 -11.35 -12.65 6.26
N ARG A 46 -10.73 -11.66 6.88
CA ARG A 46 -11.50 -10.71 7.68
C ARG A 46 -12.50 -9.97 6.81
N LYS A 47 -13.71 -9.79 7.34
CA LYS A 47 -14.75 -9.02 6.67
C LYS A 47 -14.54 -7.51 6.80
N ARG A 48 -13.79 -7.05 7.80
CA ARG A 48 -13.55 -5.63 7.98
C ARG A 48 -12.19 -5.24 7.43
N ARG A 49 -12.12 -4.08 6.79
CA ARG A 49 -10.88 -3.48 6.32
C ARG A 49 -10.96 -1.99 6.63
N LYS A 50 -10.01 -1.49 7.41
CA LYS A 50 -9.97 -0.09 7.87
C LYS A 50 -11.33 0.36 8.42
N GLY A 51 -11.95 -0.50 9.24
CA GLY A 51 -13.22 -0.20 9.86
C GLY A 51 -14.46 -0.42 9.01
N GLN A 52 -14.31 -0.56 7.68
CA GLN A 52 -15.44 -0.71 6.78
C GLN A 52 -15.70 -2.18 6.49
N ASP A 53 -16.97 -2.54 6.39
CA ASP A 53 -17.32 -3.89 6.01
C ASP A 53 -16.96 -4.13 4.55
N CYS A 54 -16.13 -5.14 4.31
CA CYS A 54 -15.67 -5.45 2.97
C CYS A 54 -16.06 -6.87 2.57
N ARG A 55 -17.17 -7.35 3.13
CA ARG A 55 -17.71 -8.66 2.77
C ARG A 55 -17.83 -8.82 1.26
N MET A 56 -18.22 -7.75 0.56
CA MET A 56 -18.39 -7.81 -0.89
C MET A 56 -17.07 -8.13 -1.59
N GLU A 57 -15.93 -7.80 -0.97
CA GLU A 57 -14.65 -8.18 -1.59
C GLU A 57 -14.45 -9.70 -1.54
N ILE A 58 -14.81 -10.32 -0.42
CA ILE A 58 -14.72 -11.77 -0.31
C ILE A 58 -15.71 -12.44 -1.25
N ILE A 59 -16.92 -11.88 -1.36
CA ILE A 59 -17.95 -12.39 -2.26
C ILE A 59 -17.46 -12.32 -3.70
N HIS A 60 -16.66 -11.31 -4.02
CA HIS A 60 -16.15 -11.23 -5.38
C HIS A 60 -15.15 -12.36 -5.65
N GLU A 61 -14.26 -12.64 -4.69
CA GLU A 61 -13.29 -13.71 -4.85
C GLU A 61 -13.96 -15.06 -5.00
N ILE A 62 -14.97 -15.35 -4.17
CA ILE A 62 -15.69 -16.59 -4.35
C ILE A 62 -16.22 -16.66 -5.78
N ALA A 63 -16.81 -15.57 -6.26
CA ALA A 63 -17.42 -15.58 -7.59
C ALA A 63 -16.38 -15.86 -8.66
N VAL A 64 -15.18 -15.30 -8.53
CA VAL A 64 -14.15 -15.57 -9.51
C VAL A 64 -13.71 -17.02 -9.41
N LEU A 65 -13.36 -17.47 -8.20
CA LEU A 65 -13.00 -18.87 -8.00
C LEU A 65 -14.01 -19.82 -8.61
N GLU A 66 -15.32 -19.50 -8.52
CA GLU A 66 -16.38 -20.36 -9.06
C GLU A 66 -16.49 -20.26 -10.57
N LEU A 67 -16.37 -19.05 -11.12
CA LEU A 67 -16.24 -18.89 -12.57
C LEU A 67 -15.19 -19.83 -13.14
N ALA A 68 -14.11 -20.03 -12.39
CA ALA A 68 -12.92 -20.75 -12.82
C ALA A 68 -12.92 -22.19 -12.33
N GLN A 69 -14.05 -22.69 -11.83
CA GLN A 69 -13.99 -23.99 -11.18
C GLN A 69 -13.66 -25.13 -12.13
N ASP A 70 -13.96 -25.02 -13.42
CA ASP A 70 -13.55 -26.07 -14.36
C ASP A 70 -12.26 -25.71 -15.07
N ASN A 71 -11.56 -24.68 -14.62
CA ASN A 71 -10.24 -24.37 -15.13
C ASN A 71 -9.26 -25.18 -14.30
N PRO A 72 -8.52 -26.11 -14.90
CA PRO A 72 -7.67 -26.98 -14.07
C PRO A 72 -6.49 -26.26 -13.48
N TRP A 73 -6.11 -25.07 -13.96
CA TRP A 73 -4.96 -24.35 -13.43
C TRP A 73 -5.35 -23.24 -12.45
N VAL A 74 -6.58 -23.27 -11.95
CA VAL A 74 -7.00 -22.42 -10.86
C VAL A 74 -7.36 -23.29 -9.67
N ILE A 75 -6.88 -22.89 -8.49
CA ILE A 75 -7.16 -23.59 -7.23
C ILE A 75 -8.67 -23.80 -7.04
N ASN A 76 -9.02 -25.00 -6.56
CA ASN A 76 -10.43 -25.30 -6.32
C ASN A 76 -10.87 -24.72 -4.98
N LEU A 77 -12.09 -24.19 -4.97
CA LEU A 77 -12.78 -23.83 -3.75
C LEU A 77 -13.64 -25.00 -3.31
N HIS A 78 -13.44 -25.50 -2.10
CA HIS A 78 -14.26 -26.63 -1.64
C HIS A 78 -15.50 -26.18 -0.87
N GLU A 79 -15.35 -25.26 0.10
CA GLU A 79 -16.43 -24.88 0.99
C GLU A 79 -16.24 -23.44 1.49
N VAL A 80 -17.35 -22.80 1.89
CA VAL A 80 -17.27 -21.45 2.46
C VAL A 80 -18.00 -21.41 3.80
N TYR A 81 -17.35 -20.79 4.80
CA TYR A 81 -17.91 -20.59 6.12
C TYR A 81 -17.92 -19.10 6.46
N GLU A 82 -18.77 -18.73 7.43
CA GLU A 82 -18.94 -17.34 7.85
C GLU A 82 -19.05 -17.24 9.36
N THR A 83 -18.18 -16.46 9.97
CA THR A 83 -18.41 -16.02 11.35
C THR A 83 -18.74 -14.54 11.34
N ALA A 84 -18.97 -14.00 12.54
CA ALA A 84 -19.27 -12.58 12.67
C ALA A 84 -18.14 -11.72 12.11
N SER A 85 -16.89 -12.08 12.40
CA SER A 85 -15.76 -11.29 11.90
C SER A 85 -15.10 -11.86 10.64
N GLU A 86 -15.21 -13.16 10.36
CA GLU A 86 -14.41 -13.77 9.30
C GLU A 86 -15.27 -14.45 8.24
N MET A 87 -14.65 -14.67 7.08
CA MET A 87 -15.13 -15.66 6.14
C MET A 87 -14.00 -16.62 5.83
N ILE A 88 -14.33 -17.90 5.76
CA ILE A 88 -13.31 -18.95 5.59
C ILE A 88 -13.56 -19.62 4.26
N LEU A 89 -12.59 -19.52 3.36
CA LEU A 89 -12.62 -20.26 2.11
C LEU A 89 -11.75 -21.51 2.29
N VAL A 90 -12.37 -22.67 2.16
CA VAL A 90 -11.66 -23.94 2.27
C VAL A 90 -11.25 -24.32 0.85
N LEU A 91 -9.97 -24.16 0.55
CA LEU A 91 -9.48 -24.41 -0.80
C LEU A 91 -8.69 -25.71 -0.83
N GLU A 92 -8.57 -26.27 -2.04
CA GLU A 92 -7.83 -27.52 -2.19
C GLU A 92 -6.37 -27.32 -1.81
N TYR A 93 -5.78 -28.35 -1.23
CA TYR A 93 -4.38 -28.32 -0.85
C TYR A 93 -3.56 -29.15 -1.82
N ALA A 94 -2.57 -28.54 -2.44
CA ALA A 94 -1.56 -29.28 -3.21
C ALA A 94 -0.65 -30.08 -2.27
N ALA A 95 -0.89 -31.38 -2.12
CA ALA A 95 0.00 -32.18 -1.26
C ALA A 95 1.44 -32.10 -1.80
N GLY A 96 2.34 -31.57 -0.98
CA GLY A 96 3.69 -31.34 -1.44
C GLY A 96 3.85 -30.10 -2.30
N GLY A 97 2.79 -29.32 -2.50
CA GLY A 97 2.88 -28.14 -3.32
C GLY A 97 3.79 -27.08 -2.71
N GLU A 98 3.94 -25.99 -3.44
CA GLU A 98 4.86 -24.93 -3.03
C GLU A 98 4.57 -23.65 -3.80
N ILE A 99 4.86 -22.51 -3.18
CA ILE A 99 4.87 -21.28 -3.97
C ILE A 99 6.07 -21.30 -4.90
N PHE A 100 5.84 -20.88 -6.15
CA PHE A 100 6.90 -20.91 -7.15
C PHE A 100 8.14 -20.11 -6.71
N ASP A 101 7.96 -19.08 -5.87
CA ASP A 101 9.07 -18.23 -5.44
C ASP A 101 10.00 -18.92 -4.45
N GLN A 102 9.48 -19.77 -3.58
CA GLN A 102 10.34 -20.53 -2.68
C GLN A 102 11.03 -21.69 -3.37
N CYS A 103 10.57 -22.09 -4.56
CA CYS A 103 11.22 -23.16 -5.32
C CYS A 103 12.59 -22.77 -5.84
N VAL A 104 12.85 -21.47 -5.99
CA VAL A 104 14.16 -20.99 -6.39
C VAL A 104 15.15 -21.11 -5.22
N ALA A 110 18.68 -20.93 -11.93
CA ALA A 110 17.31 -20.73 -12.44
C ALA A 110 16.73 -22.03 -13.04
N PHE A 111 15.55 -21.91 -13.62
CA PHE A 111 14.86 -23.06 -14.20
C PHE A 111 15.42 -23.38 -15.56
N LYS A 112 15.34 -24.65 -15.92
CA LYS A 112 15.69 -25.05 -17.27
C LYS A 112 14.64 -24.48 -18.23
N GLU A 113 15.11 -24.00 -19.38
CA GLU A 113 14.19 -23.52 -20.42
C GLU A 113 13.08 -24.53 -20.70
N LYS A 114 13.40 -25.84 -20.66
CA LYS A 114 12.37 -26.86 -20.89
C LYS A 114 11.27 -26.78 -19.82
N ASP A 115 11.66 -26.53 -18.57
CA ASP A 115 10.68 -26.47 -17.49
C ASP A 115 9.84 -25.20 -17.56
N VAL A 116 10.41 -24.09 -18.02
CA VAL A 116 9.61 -22.88 -18.11
C VAL A 116 8.62 -22.97 -19.26
N GLN A 117 9.04 -23.58 -20.38
CA GLN A 117 8.11 -23.85 -21.47
C GLN A 117 6.88 -24.59 -20.99
N ARG A 118 7.06 -25.73 -20.31
CA ARG A 118 5.93 -26.47 -19.79
C ARG A 118 5.11 -25.64 -18.82
N LEU A 119 5.78 -24.90 -17.92
CA LEU A 119 5.04 -24.17 -16.90
C LEU A 119 4.28 -23.00 -17.50
N MET A 120 4.93 -22.26 -18.43
CA MET A 120 4.28 -21.10 -19.02
C MET A 120 3.08 -21.49 -19.87
N ARG A 121 3.15 -22.61 -20.58
CA ARG A 121 1.96 -23.04 -21.30
C ARG A 121 0.79 -23.26 -20.33
N GLN A 122 1.09 -23.76 -19.13
CA GLN A 122 0.03 -23.96 -18.15
C GLN A 122 -0.51 -22.63 -17.68
N ILE A 123 0.39 -21.73 -17.25
CA ILE A 123 -0.01 -20.39 -16.83
C ILE A 123 -0.86 -19.72 -17.91
N LEU A 124 -0.39 -19.77 -19.16
CA LEU A 124 -1.08 -19.06 -20.23
C LEU A 124 -2.45 -19.64 -20.53
N GLU A 125 -2.63 -20.94 -20.32
CA GLU A 125 -3.94 -21.56 -20.53
C GLU A 125 -4.93 -21.14 -19.45
N GLY A 126 -4.48 -20.97 -18.21
CA GLY A 126 -5.37 -20.48 -17.18
C GLY A 126 -5.72 -19.03 -17.40
N VAL A 127 -4.70 -18.22 -17.66
CA VAL A 127 -4.90 -16.82 -17.98
C VAL A 127 -5.83 -16.67 -19.18
N HIS A 128 -5.56 -17.43 -20.24
CA HIS A 128 -6.44 -17.42 -21.42
C HIS A 128 -7.88 -17.74 -21.05
N PHE A 129 -8.08 -18.73 -20.18
CA PHE A 129 -9.43 -19.06 -19.72
C PHE A 129 -10.06 -17.91 -18.96
N LEU A 130 -9.31 -17.26 -18.06
CA LEU A 130 -9.89 -16.12 -17.36
C LEU A 130 -10.27 -15.02 -18.36
N HIS A 131 -9.35 -14.69 -19.26
CA HIS A 131 -9.58 -13.60 -20.20
C HIS A 131 -10.78 -13.84 -21.11
N THR A 132 -11.10 -15.11 -21.42
CA THR A 132 -12.34 -15.31 -22.17
C THR A 132 -13.57 -15.19 -21.29
N ARG A 133 -13.39 -15.07 -19.98
CA ARG A 133 -14.46 -14.83 -19.03
C ARG A 133 -14.54 -13.36 -18.64
N ASP A 134 -13.76 -12.51 -19.33
CA ASP A 134 -13.67 -11.08 -19.06
C ASP A 134 -13.04 -10.76 -17.69
N VAL A 135 -12.31 -11.70 -17.11
CA VAL A 135 -11.62 -11.49 -15.85
C VAL A 135 -10.15 -11.16 -16.13
N VAL A 136 -9.69 -10.01 -15.61
CA VAL A 136 -8.27 -9.70 -15.61
C VAL A 136 -7.75 -9.87 -14.19
N HIS A 137 -6.64 -10.62 -14.06
CA HIS A 137 -6.11 -10.99 -12.75
C HIS A 137 -5.45 -9.82 -12.01
N LEU A 138 -4.50 -9.13 -12.67
CA LEU A 138 -3.80 -7.93 -12.15
C LEU A 138 -2.84 -8.23 -11.03
N ASP A 139 -2.53 -9.48 -10.77
CA ASP A 139 -1.59 -9.79 -9.70
C ASP A 139 -0.80 -11.05 -10.02
N LEU A 140 -0.68 -11.41 -11.30
CA LEU A 140 0.17 -12.52 -11.74
C LEU A 140 1.63 -12.29 -11.39
N LYS A 141 2.09 -12.93 -10.33
CA LYS A 141 3.48 -12.85 -9.90
C LYS A 141 3.77 -14.15 -9.17
N PRO A 142 5.06 -14.44 -8.86
CA PRO A 142 5.38 -15.76 -8.28
C PRO A 142 4.66 -16.08 -6.97
N GLN A 143 4.47 -15.09 -6.10
CA GLN A 143 3.76 -15.30 -4.83
C GLN A 143 2.34 -15.81 -5.02
N ASN A 144 1.81 -15.78 -6.22
CA ASN A 144 0.47 -16.23 -6.47
C ASN A 144 0.41 -17.44 -7.39
N ILE A 145 1.56 -18.01 -7.78
CA ILE A 145 1.64 -19.16 -8.66
C ILE A 145 2.09 -20.35 -7.83
N LEU A 146 1.20 -21.32 -7.64
CA LEU A 146 1.50 -22.48 -6.83
C LEU A 146 1.87 -23.69 -7.69
N LEU A 147 2.88 -24.42 -7.24
CA LEU A 147 3.30 -25.66 -7.88
C LEU A 147 2.77 -26.83 -7.07
N THR A 148 2.06 -27.74 -7.73
CA THR A 148 1.59 -28.95 -7.06
C THR A 148 2.73 -29.90 -6.64
N SER A 149 3.95 -29.71 -7.14
CA SER A 149 5.11 -30.41 -6.62
C SER A 149 6.37 -29.59 -6.86
N GLU A 150 7.22 -29.52 -5.83
CA GLU A 150 8.53 -28.90 -5.98
C GLU A 150 9.49 -29.83 -6.73
N SER A 151 9.52 -31.10 -6.35
CA SER A 151 10.50 -32.04 -6.89
C SER A 151 9.82 -33.39 -7.13
N PRO A 152 9.63 -33.82 -8.37
CA PRO A 152 9.86 -33.07 -9.62
C PRO A 152 8.94 -31.87 -9.73
N LEU A 153 9.15 -31.05 -10.75
CA LEU A 153 8.29 -29.90 -10.96
C LEU A 153 6.89 -30.39 -11.37
N GLY A 154 5.88 -29.94 -10.62
CA GLY A 154 4.52 -30.33 -10.90
C GLY A 154 3.75 -29.37 -11.77
N ASP A 155 2.47 -29.16 -11.45
CA ASP A 155 1.61 -28.30 -12.24
C ASP A 155 1.33 -26.98 -11.52
N ILE A 156 1.05 -25.92 -12.29
CA ILE A 156 0.77 -24.61 -11.71
C ILE A 156 -0.70 -24.52 -11.29
N LYS A 157 -0.94 -23.90 -10.13
CA LYS A 157 -2.27 -23.41 -9.77
C LYS A 157 -2.18 -21.94 -9.41
N ILE A 158 -3.08 -21.12 -9.97
CA ILE A 158 -3.20 -19.72 -9.60
C ILE A 158 -4.15 -19.66 -8.40
N VAL A 159 -3.80 -18.90 -7.36
CA VAL A 159 -4.39 -19.09 -6.04
C VAL A 159 -5.08 -17.85 -5.46
N ASP A 160 -4.83 -16.64 -5.95
CA ASP A 160 -5.44 -15.48 -5.35
C ASP A 160 -6.08 -14.62 -6.43
N PHE A 161 -7.18 -14.00 -6.10
CA PHE A 161 -7.86 -13.17 -7.07
C PHE A 161 -8.33 -11.86 -6.45
N GLY A 162 -7.65 -11.43 -5.37
CA GLY A 162 -8.06 -10.25 -4.64
C GLY A 162 -7.93 -8.94 -5.41
N LEU A 163 -7.06 -8.86 -6.41
CA LEU A 163 -6.99 -7.66 -7.23
C LEU A 163 -7.68 -7.83 -8.58
N SER A 164 -8.59 -8.77 -8.72
CA SER A 164 -9.09 -9.12 -10.03
C SER A 164 -10.38 -8.38 -10.33
N ARG A 165 -10.66 -8.21 -11.61
CA ARG A 165 -11.75 -7.39 -12.09
C ARG A 165 -12.42 -8.08 -13.26
N ILE A 166 -13.69 -7.83 -13.43
CA ILE A 166 -14.41 -8.13 -14.65
C ILE A 166 -14.45 -6.84 -15.46
N LEU A 167 -14.06 -6.92 -16.72
CA LEU A 167 -13.84 -5.76 -17.57
C LEU A 167 -14.89 -5.69 -18.67
N LYS A 168 -15.15 -4.48 -19.14
CA LYS A 168 -16.12 -4.23 -20.18
C LYS A 168 -15.49 -4.39 -21.56
N ASN A 169 -16.34 -4.54 -22.57
CA ASN A 169 -15.90 -4.84 -23.93
C ASN A 169 -15.60 -3.55 -24.70
N SER A 170 -16.21 -3.41 -25.89
CA SER A 170 -16.03 -2.21 -26.71
C SER A 170 -16.60 -0.97 -26.04
N GLU A 171 -17.41 -1.13 -24.99
CA GLU A 171 -17.88 0.01 -24.21
C GLU A 171 -16.73 0.77 -23.59
N GLU A 172 -15.60 0.10 -23.37
CA GLU A 172 -14.43 0.75 -22.77
C GLU A 172 -14.06 2.02 -23.52
N LEU A 173 -13.95 1.92 -24.84
CA LEU A 173 -13.44 3.00 -25.68
C LEU A 173 -14.53 3.58 -26.58
N ARG A 174 -15.77 3.60 -26.09
CA ARG A 174 -16.86 4.18 -26.86
C ARG A 174 -17.81 4.95 -25.94
N GLU A 175 -18.62 4.23 -25.18
CA GLU A 175 -19.56 4.90 -24.27
C GLU A 175 -18.83 5.62 -23.17
N ILE A 176 -17.69 5.09 -22.71
CA ILE A 176 -16.93 5.77 -21.66
C ILE A 176 -16.26 7.01 -22.19
N MET A 177 -15.57 6.90 -23.33
CA MET A 177 -14.89 8.08 -23.89
C MET A 177 -15.87 9.18 -24.22
N GLY A 178 -17.03 8.84 -24.80
CA GLY A 178 -17.99 9.84 -25.16
C GLY A 178 -17.75 10.43 -26.54
N THR A 179 -18.50 11.50 -26.83
CA THR A 179 -18.47 12.13 -28.14
C THR A 179 -17.06 12.62 -28.46
N PRO A 180 -16.47 12.19 -29.57
CA PRO A 180 -15.03 12.40 -29.80
C PRO A 180 -14.59 13.86 -29.83
N GLU A 181 -15.47 14.78 -30.27
CA GLU A 181 -15.08 16.17 -30.43
C GLU A 181 -14.89 16.89 -29.11
N TYR A 182 -15.28 16.29 -27.98
CA TYR A 182 -15.16 16.91 -26.67
C TYR A 182 -14.05 16.28 -25.82
N VAL A 183 -13.48 15.18 -26.27
CA VAL A 183 -12.53 14.45 -25.43
C VAL A 183 -11.25 15.26 -25.24
N ALA A 184 -10.75 15.28 -24.00
CA ALA A 184 -9.53 16.02 -23.75
C ALA A 184 -8.32 15.22 -24.23
N PRO A 185 -7.21 15.89 -24.53
CA PRO A 185 -6.08 15.17 -25.17
C PRO A 185 -5.37 14.18 -24.24
N GLU A 186 -5.30 14.47 -22.94
CA GLU A 186 -4.76 13.51 -21.98
C GLU A 186 -5.62 12.25 -21.86
N ILE A 187 -6.86 12.27 -22.35
CA ILE A 187 -7.60 11.01 -22.38
C ILE A 187 -7.12 10.17 -23.54
N LEU A 188 -7.09 10.77 -24.73
CA LEU A 188 -6.56 10.08 -25.90
C LEU A 188 -5.21 9.42 -25.65
N SER A 189 -4.42 10.00 -24.76
CA SER A 189 -3.10 9.49 -24.44
C SER A 189 -3.13 8.40 -23.37
N TYR A 190 -4.26 8.23 -22.67
CA TYR A 190 -4.35 7.27 -21.57
C TYR A 190 -4.42 5.83 -22.08
N ASP A 191 -3.82 4.93 -21.33
CA ASP A 191 -3.97 3.49 -21.53
C ASP A 191 -4.61 2.88 -20.29
N PRO A 192 -5.83 2.39 -20.39
CA PRO A 192 -6.51 1.81 -19.22
C PRO A 192 -6.15 0.35 -18.97
N ILE A 193 -6.35 -0.06 -17.72
CA ILE A 193 -6.07 -1.44 -17.33
C ILE A 193 -6.93 -2.36 -18.17
N SER A 194 -6.30 -3.34 -18.82
CA SER A 194 -6.96 -4.19 -19.79
C SER A 194 -6.37 -5.60 -19.65
N MET A 195 -6.74 -6.50 -20.59
CA MET A 195 -6.18 -7.85 -20.56
C MET A 195 -4.69 -7.84 -20.89
N ALA A 196 -4.25 -6.81 -21.63
CA ALA A 196 -2.84 -6.70 -21.91
C ALA A 196 -2.01 -6.38 -20.68
N THR A 197 -2.64 -5.91 -19.60
CA THR A 197 -1.90 -5.65 -18.37
C THR A 197 -1.43 -6.97 -17.79
N ASP A 198 -2.31 -7.97 -17.81
CA ASP A 198 -1.96 -9.33 -17.44
C ASP A 198 -0.82 -9.90 -18.27
N MET A 199 -0.73 -9.53 -19.54
CA MET A 199 0.27 -10.19 -20.39
C MET A 199 1.66 -9.60 -20.16
N TRP A 200 1.74 -8.30 -19.89
CA TRP A 200 2.96 -7.71 -19.36
C TRP A 200 3.51 -8.53 -18.20
N SER A 201 2.66 -8.81 -17.22
CA SER A 201 3.14 -9.52 -16.05
C SER A 201 3.64 -10.90 -16.43
N ILE A 202 2.97 -11.55 -17.37
CA ILE A 202 3.44 -12.85 -17.82
C ILE A 202 4.77 -12.74 -18.54
N GLY A 203 4.99 -11.63 -19.26
CA GLY A 203 6.29 -11.40 -19.87
C GLY A 203 7.37 -11.12 -18.84
N VAL A 204 7.03 -10.48 -17.72
CA VAL A 204 8.00 -10.25 -16.66
C VAL A 204 8.35 -11.57 -15.99
N LEU A 205 7.35 -12.41 -15.73
CA LEU A 205 7.59 -13.67 -15.08
C LEU A 205 8.37 -14.62 -15.98
N THR A 206 8.09 -14.60 -17.28
CA THR A 206 8.87 -15.46 -18.17
C THR A 206 10.35 -15.11 -18.06
N TYR A 207 10.66 -13.82 -18.26
CA TYR A 207 12.01 -13.28 -18.07
C TYR A 207 12.65 -13.76 -16.77
N VAL A 208 11.96 -13.56 -15.65
CA VAL A 208 12.49 -13.95 -14.35
C VAL A 208 12.73 -15.46 -14.32
N MET A 209 11.80 -16.23 -14.90
CA MET A 209 11.91 -17.67 -14.82
C MET A 209 13.11 -18.18 -15.62
N LEU A 210 13.42 -17.56 -16.75
CA LEU A 210 14.50 -18.10 -17.57
C LEU A 210 15.86 -17.62 -17.12
N THR A 211 15.95 -16.43 -16.50
CA THR A 211 17.27 -15.85 -16.24
C THR A 211 17.62 -15.69 -14.77
N GLY A 212 16.64 -15.67 -13.88
CA GLY A 212 16.91 -15.25 -12.52
C GLY A 212 17.11 -13.76 -12.33
N ILE A 213 16.65 -12.92 -13.28
CA ILE A 213 16.81 -11.47 -13.19
C ILE A 213 15.44 -10.81 -13.31
N SER A 214 15.11 -9.95 -12.35
CA SER A 214 13.97 -9.08 -12.53
C SER A 214 14.36 -7.98 -13.50
N PRO A 215 13.75 -7.91 -14.69
CA PRO A 215 14.29 -7.06 -15.76
C PRO A 215 14.25 -5.56 -15.46
N PHE A 216 13.24 -5.07 -14.76
CA PHE A 216 13.07 -3.64 -14.53
C PHE A 216 13.44 -3.22 -13.12
N LEU A 217 13.89 -4.16 -12.28
CA LEU A 217 14.37 -3.85 -10.95
C LEU A 217 15.49 -2.82 -11.00
N GLY A 218 15.20 -1.57 -10.58
CA GLY A 218 16.19 -0.52 -10.54
C GLY A 218 16.79 -0.31 -9.15
N ASN A 219 17.67 0.70 -9.06
CA ASN A 219 18.37 0.99 -7.81
C ASN A 219 17.39 1.37 -6.70
N ASP A 220 16.50 2.31 -6.97
CA ASP A 220 15.39 2.72 -6.11
C ASP A 220 14.06 2.29 -6.76
N LYS A 221 12.97 2.93 -6.32
CA LYS A 221 11.64 2.65 -6.85
C LYS A 221 11.29 3.55 -8.02
N GLN A 222 11.82 4.76 -8.05
CA GLN A 222 11.62 5.60 -9.22
C GLN A 222 12.49 5.12 -10.35
N GLU A 223 13.62 4.48 -10.05
CA GLU A 223 14.34 3.76 -11.08
C GLU A 223 13.49 2.59 -11.59
N THR A 224 12.96 1.78 -10.68
CA THR A 224 12.10 0.68 -11.12
C THR A 224 10.94 1.21 -11.95
N PHE A 225 10.27 2.25 -11.46
CA PHE A 225 9.19 2.85 -12.24
C PHE A 225 9.71 3.49 -13.52
N LEU A 226 10.90 4.11 -13.47
CA LEU A 226 11.47 4.70 -14.70
C LEU A 226 11.85 3.62 -15.71
N ASN A 227 12.44 2.51 -15.26
CA ASN A 227 12.75 1.43 -16.18
C ASN A 227 11.49 0.87 -16.82
N ILE A 228 10.41 0.75 -16.05
CA ILE A 228 9.18 0.22 -16.63
C ILE A 228 8.68 1.13 -17.75
N SER A 229 8.76 2.44 -17.55
CA SER A 229 8.23 3.41 -18.50
C SER A 229 9.15 3.60 -19.70
N GLN A 230 10.46 3.57 -19.52
CA GLN A 230 11.33 4.02 -20.61
C GLN A 230 12.44 3.05 -20.99
N MET A 231 12.75 2.05 -20.17
CA MET A 231 13.87 1.15 -20.48
C MET A 231 13.49 0.25 -21.66
N ASN A 232 14.27 0.30 -22.73
CA ASN A 232 14.16 -0.69 -23.80
C ASN A 232 15.20 -1.79 -23.51
N LEU A 233 14.71 -2.96 -23.15
CA LEU A 233 15.56 -4.09 -22.79
C LEU A 233 16.39 -4.53 -23.97
N SER A 234 17.59 -5.05 -23.68
CA SER A 234 18.50 -5.46 -24.73
C SER A 234 18.64 -6.98 -24.87
N TYR A 235 18.36 -7.74 -23.82
CA TYR A 235 18.50 -9.21 -23.86
C TYR A 235 19.91 -9.64 -24.21
N SER A 236 20.91 -8.86 -23.78
CA SER A 236 22.31 -9.09 -24.12
C SER A 236 23.11 -9.60 -22.93
N GLU A 237 22.43 -10.05 -21.89
CA GLU A 237 23.13 -10.48 -20.68
C GLU A 237 23.70 -11.87 -20.88
N GLU A 238 24.78 -12.16 -20.14
CA GLU A 238 25.40 -13.48 -20.16
C GLU A 238 24.36 -14.58 -20.04
N GLU A 239 23.40 -14.39 -19.15
CA GLU A 239 22.35 -15.37 -18.88
C GLU A 239 21.51 -15.72 -20.12
N PHE A 240 21.66 -15.01 -21.22
CA PHE A 240 20.89 -15.30 -22.42
C PHE A 240 21.63 -16.16 -23.44
N ASP A 241 22.92 -16.43 -23.24
CA ASP A 241 23.69 -17.16 -24.25
C ASP A 241 23.18 -18.59 -24.44
N VAL A 242 22.69 -19.23 -23.38
CA VAL A 242 22.23 -20.61 -23.47
C VAL A 242 20.73 -20.68 -23.73
N LEU A 243 20.09 -19.54 -23.95
CA LEU A 243 18.65 -19.47 -24.17
C LEU A 243 18.35 -19.43 -25.66
N SER A 244 17.21 -20.00 -26.04
CA SER A 244 16.85 -20.08 -27.45
C SER A 244 16.37 -18.73 -27.98
N GLU A 245 16.56 -18.53 -29.29
CA GLU A 245 16.06 -17.32 -29.94
C GLU A 245 14.56 -17.18 -29.76
N SER A 246 13.81 -18.28 -29.82
CA SER A 246 12.37 -18.19 -29.61
C SER A 246 12.02 -17.73 -28.21
N ALA A 247 12.83 -18.11 -27.21
CA ALA A 247 12.54 -17.65 -25.86
C ALA A 247 12.62 -16.13 -25.77
N VAL A 248 13.63 -15.54 -26.42
CA VAL A 248 13.77 -14.08 -26.35
C VAL A 248 12.66 -13.39 -27.15
N ASP A 249 12.37 -13.90 -28.35
CA ASP A 249 11.25 -13.37 -29.12
C ASP A 249 9.94 -13.46 -28.36
N PHE A 250 9.75 -14.55 -27.61
CA PHE A 250 8.52 -14.69 -26.84
C PHE A 250 8.38 -13.55 -25.84
N ILE A 251 9.44 -13.28 -25.08
CA ILE A 251 9.41 -12.14 -24.15
C ILE A 251 9.25 -10.81 -24.91
N ARG A 252 9.92 -10.66 -26.05
CA ARG A 252 9.82 -9.35 -26.73
C ARG A 252 8.38 -9.05 -27.10
N THR A 253 7.60 -10.10 -27.26
CA THR A 253 6.20 -10.06 -27.64
C THR A 253 5.31 -9.60 -26.49
N LEU A 254 5.77 -9.79 -25.25
CA LEU A 254 5.00 -9.40 -24.07
C LEU A 254 5.45 -8.07 -23.46
N LEU A 255 6.77 -7.83 -23.34
CA LEU A 255 7.25 -6.62 -22.67
C LEU A 255 7.25 -5.44 -23.62
N VAL A 256 6.14 -5.24 -24.31
CA VAL A 256 5.93 -4.08 -25.17
C VAL A 256 5.22 -3.02 -24.36
N LYS A 257 5.67 -1.78 -24.43
CA LYS A 257 5.11 -0.75 -23.56
C LYS A 257 3.70 -0.36 -24.01
N LYS A 258 3.47 -0.23 -25.30
CA LYS A 258 2.13 0.07 -25.79
C LYS A 258 1.23 -1.13 -25.55
N PRO A 259 0.16 -1.00 -24.76
CA PRO A 259 -0.66 -2.19 -24.44
C PRO A 259 -1.24 -2.88 -25.65
N GLU A 260 -1.70 -2.10 -26.64
CA GLU A 260 -2.35 -2.68 -27.81
C GLU A 260 -1.41 -3.58 -28.62
N ASP A 261 -0.11 -3.34 -28.55
CA ASP A 261 0.83 -4.13 -29.32
C ASP A 261 1.23 -5.41 -28.62
N ARG A 262 0.78 -5.65 -27.39
CA ARG A 262 1.20 -6.85 -26.69
C ARG A 262 0.51 -8.08 -27.26
N ALA A 263 1.19 -9.22 -27.19
CA ALA A 263 0.55 -10.48 -27.50
C ALA A 263 -0.53 -10.84 -26.48
N THR A 264 -1.65 -11.36 -26.98
CA THR A 264 -2.66 -11.97 -26.11
C THR A 264 -2.25 -13.39 -25.70
N ALA A 265 -2.90 -13.86 -24.64
CA ALA A 265 -2.67 -15.24 -24.18
C ALA A 265 -2.91 -16.23 -25.30
N GLU A 266 -3.99 -16.05 -26.06
CA GLU A 266 -4.26 -16.91 -27.20
C GLU A 266 -3.08 -16.97 -28.17
N GLU A 267 -2.56 -15.79 -28.61
CA GLU A 267 -1.42 -15.77 -29.52
C GLU A 267 -0.17 -16.34 -28.85
N CYS A 268 0.06 -16.04 -27.57
CA CYS A 268 1.16 -16.69 -26.86
C CYS A 268 1.10 -18.20 -27.02
N LEU A 269 -0.08 -18.80 -26.76
CA LEU A 269 -0.22 -20.24 -26.82
C LEU A 269 0.08 -20.80 -28.21
N LYS A 270 0.04 -19.98 -29.26
CA LYS A 270 0.48 -20.42 -30.59
C LYS A 270 1.89 -19.95 -30.94
N HIS A 271 2.58 -19.25 -30.06
CA HIS A 271 3.93 -18.81 -30.38
C HIS A 271 4.83 -20.03 -30.55
N PRO A 272 5.70 -20.04 -31.56
CA PRO A 272 6.54 -21.23 -31.79
C PRO A 272 7.28 -21.69 -30.55
N TRP A 273 7.51 -20.81 -29.58
CA TRP A 273 8.26 -21.20 -28.39
C TRP A 273 7.54 -22.27 -27.58
N LEU A 274 6.20 -22.31 -27.64
CA LEU A 274 5.42 -23.24 -26.84
C LEU A 274 4.72 -24.31 -27.66
N THR A 275 5.16 -24.56 -28.89
CA THR A 275 4.43 -25.46 -29.78
C THR A 275 5.32 -26.48 -30.50
N PHE B 8 18.74 26.71 -12.04
CA PHE B 8 18.68 25.55 -11.16
C PHE B 8 19.00 24.27 -11.91
N GLN B 9 18.21 24.00 -12.96
CA GLN B 9 18.35 22.76 -13.71
C GLN B 9 19.73 22.61 -14.31
N ASP B 10 20.49 23.70 -14.41
CA ASP B 10 21.89 23.62 -14.79
C ASP B 10 22.76 23.01 -13.69
N GLY B 11 22.21 22.80 -12.49
CA GLY B 11 23.00 22.25 -11.40
C GLY B 11 22.56 20.88 -10.94
N TYR B 12 21.34 20.49 -11.28
CA TYR B 12 20.76 19.24 -10.81
C TYR B 12 20.19 18.46 -11.98
N SER B 13 20.47 17.17 -12.03
CA SER B 13 19.87 16.30 -13.04
C SER B 13 18.47 15.93 -12.55
N LEU B 14 17.50 16.73 -12.95
CA LEU B 14 16.10 16.42 -12.68
C LEU B 14 15.83 15.01 -13.19
N CYS B 15 15.86 14.01 -12.30
CA CYS B 15 15.68 12.63 -12.73
C CYS B 15 14.36 12.50 -13.49
N PRO B 16 14.33 11.75 -14.59
CA PRO B 16 13.12 11.70 -15.42
C PRO B 16 11.95 10.98 -14.77
N GLY B 17 11.01 10.52 -15.59
CA GLY B 17 9.86 9.75 -15.16
C GLY B 17 8.84 10.51 -14.31
N ARG B 18 8.02 9.72 -13.62
CA ARG B 18 6.99 10.24 -12.73
C ARG B 18 7.57 11.13 -11.63
N GLU B 19 6.69 11.66 -10.80
CA GLU B 19 7.06 12.53 -9.70
C GLU B 19 7.05 11.73 -8.41
N LEU B 20 7.98 12.05 -7.51
CA LEU B 20 7.99 11.38 -6.22
C LEU B 20 6.69 11.66 -5.47
N GLY B 21 6.16 12.86 -5.60
CA GLY B 21 4.89 13.15 -4.98
C GLY B 21 4.36 14.50 -5.39
N ARG B 22 3.06 14.67 -5.17
CA ARG B 22 2.40 15.94 -5.38
C ARG B 22 1.43 16.14 -4.23
N GLY B 23 1.12 17.41 -3.96
CA GLY B 23 0.15 17.71 -2.93
C GLY B 23 -0.54 19.04 -3.20
N LYS B 24 -0.99 19.69 -2.12
CA LYS B 24 -1.55 21.03 -2.20
C LYS B 24 -0.56 22.01 -2.81
N PHE B 25 -0.63 22.19 -4.13
CA PHE B 25 0.20 23.15 -4.86
C PHE B 25 1.69 22.92 -4.61
N ALA B 26 2.10 21.66 -4.55
CA ALA B 26 3.52 21.30 -4.43
C ALA B 26 3.78 19.95 -5.11
N VAL B 27 4.85 19.88 -5.90
CA VAL B 27 5.23 18.69 -6.65
C VAL B 27 6.71 18.42 -6.40
N VAL B 28 7.03 17.21 -5.96
CA VAL B 28 8.41 16.85 -5.64
C VAL B 28 8.89 15.82 -6.66
N ARG B 29 10.02 16.11 -7.27
CA ARG B 29 10.59 15.26 -8.31
C ARG B 29 12.06 15.00 -8.01
N LYS B 30 12.45 13.73 -8.04
CA LYS B 30 13.83 13.32 -7.79
C LYS B 30 14.80 14.10 -8.68
N CYS B 31 16.02 14.26 -8.18
CA CYS B 31 17.08 14.89 -8.95
C CYS B 31 18.43 14.38 -8.46
N ILE B 32 19.46 14.59 -9.26
CA ILE B 32 20.81 14.18 -8.90
C ILE B 32 21.82 15.23 -9.34
N GLY B 37 27.49 13.56 -7.41
CA GLY B 37 26.12 13.74 -7.85
C GLY B 37 25.12 12.86 -7.11
N LYS B 38 24.99 13.11 -5.80
CA LYS B 38 24.03 12.36 -5.01
C LYS B 38 22.60 12.69 -5.47
N GLU B 39 21.68 11.84 -5.06
CA GLU B 39 20.28 12.02 -5.42
C GLU B 39 19.56 12.79 -4.32
N PHE B 40 18.65 13.67 -4.73
CA PHE B 40 17.88 14.50 -3.83
C PHE B 40 16.42 14.48 -4.26
N ALA B 41 15.59 15.12 -3.44
CA ALA B 41 14.16 15.27 -3.69
C ALA B 41 13.91 16.76 -3.88
N ALA B 42 13.79 17.17 -5.13
CA ALA B 42 13.54 18.58 -5.44
C ALA B 42 12.06 18.87 -5.27
N LYS B 43 11.74 19.82 -4.38
CA LYS B 43 10.37 20.20 -4.06
C LYS B 43 10.09 21.59 -4.64
N PHE B 44 9.14 21.66 -5.58
CA PHE B 44 8.84 22.91 -6.27
C PHE B 44 7.61 23.61 -5.65
N ARG B 55 3.84 33.71 -1.21
CA ARG B 55 5.18 33.18 -0.99
C ARG B 55 5.65 33.33 0.47
N MET B 56 4.83 34.00 1.28
CA MET B 56 5.23 34.27 2.66
C MET B 56 5.40 32.99 3.46
N GLU B 57 4.51 32.02 3.23
CA GLU B 57 4.60 30.76 3.97
C GLU B 57 5.78 29.91 3.53
N ILE B 58 6.28 30.13 2.31
CA ILE B 58 7.40 29.32 1.83
C ILE B 58 8.64 29.59 2.67
N ILE B 59 8.90 30.86 3.00
CA ILE B 59 10.06 31.19 3.82
C ILE B 59 9.91 30.58 5.22
N HIS B 60 8.68 30.52 5.74
CA HIS B 60 8.46 29.91 7.06
C HIS B 60 8.73 28.41 7.04
N GLU B 61 8.32 27.72 5.97
CA GLU B 61 8.72 26.33 5.84
C GLU B 61 10.23 26.21 6.01
N ILE B 62 10.98 27.06 5.30
CA ILE B 62 12.43 26.98 5.36
C ILE B 62 12.93 27.23 6.77
N ALA B 63 12.31 28.17 7.48
CA ALA B 63 12.75 28.47 8.83
C ALA B 63 12.55 27.28 9.76
N VAL B 64 11.44 26.54 9.62
CA VAL B 64 11.22 25.40 10.49
C VAL B 64 12.23 24.30 10.17
N LEU B 65 12.43 24.03 8.88
CA LEU B 65 13.39 23.02 8.46
C LEU B 65 14.78 23.36 8.96
N GLU B 66 15.28 24.54 8.62
CA GLU B 66 16.58 24.97 9.11
C GLU B 66 16.62 24.90 10.62
N LEU B 67 15.52 25.27 11.29
CA LEU B 67 15.45 25.13 12.74
C LEU B 67 15.66 23.67 13.16
N ALA B 68 15.06 22.73 12.43
CA ALA B 68 15.01 21.33 12.83
C ALA B 68 16.15 20.50 12.24
N GLN B 69 17.21 21.16 11.79
CA GLN B 69 18.12 20.49 10.86
C GLN B 69 18.95 19.41 11.53
N ASP B 70 19.19 19.51 12.85
CA ASP B 70 19.86 18.48 13.62
C ASP B 70 18.90 17.43 14.17
N ASN B 71 17.61 17.57 13.93
CA ASN B 71 16.65 16.61 14.45
C ASN B 71 16.50 15.43 13.50
N PRO B 72 16.76 14.20 13.97
CA PRO B 72 16.67 13.02 13.09
C PRO B 72 15.29 12.77 12.53
N TRP B 73 14.24 13.37 13.07
CA TRP B 73 12.87 13.02 12.73
C TRP B 73 12.25 13.97 11.74
N VAL B 74 12.94 15.04 11.36
CA VAL B 74 12.48 15.94 10.32
C VAL B 74 13.37 15.77 9.09
N ILE B 75 12.79 15.95 7.91
CA ILE B 75 13.53 15.82 6.66
C ILE B 75 14.51 16.97 6.52
N ASN B 76 15.71 16.67 6.00
CA ASN B 76 16.77 17.66 5.87
C ASN B 76 16.61 18.53 4.62
N LEU B 77 16.66 19.84 4.81
CA LEU B 77 16.77 20.78 3.71
C LEU B 77 18.23 20.95 3.32
N HIS B 78 18.51 20.87 2.03
CA HIS B 78 19.88 21.04 1.58
C HIS B 78 20.17 22.45 1.10
N GLU B 79 19.27 23.05 0.34
CA GLU B 79 19.39 24.44 -0.09
C GLU B 79 18.11 24.82 -0.82
N VAL B 80 18.02 26.09 -1.21
CA VAL B 80 16.93 26.60 -2.04
C VAL B 80 17.54 27.41 -3.18
N TYR B 81 16.80 27.52 -4.27
CA TYR B 81 17.28 28.20 -5.45
C TYR B 81 16.30 29.28 -5.90
N MET B 87 9.24 28.29 -5.20
CA MET B 87 10.68 28.12 -5.33
C MET B 87 11.06 26.64 -5.23
N ILE B 88 12.37 26.37 -5.30
CA ILE B 88 12.90 25.00 -5.20
C ILE B 88 13.40 24.76 -3.79
N LEU B 89 13.06 23.60 -3.22
CA LEU B 89 13.46 23.20 -1.88
C LEU B 89 14.19 21.86 -2.03
N VAL B 90 15.51 21.88 -1.94
CA VAL B 90 16.31 20.69 -2.23
C VAL B 90 16.36 19.85 -0.95
N LEU B 91 15.50 18.85 -0.89
CA LEU B 91 15.40 18.02 0.30
C LEU B 91 16.30 16.81 0.16
N GLU B 92 16.67 16.24 1.30
CA GLU B 92 17.30 14.93 1.27
C GLU B 92 16.35 13.92 0.64
N TYR B 93 16.93 13.04 -0.18
CA TYR B 93 16.23 11.89 -0.71
C TYR B 93 16.64 10.67 0.09
N ALA B 94 15.67 10.03 0.75
CA ALA B 94 15.91 8.76 1.43
C ALA B 94 15.78 7.64 0.40
N ALA B 95 16.85 6.86 0.23
CA ALA B 95 16.81 5.80 -0.76
C ALA B 95 16.00 4.64 -0.20
N GLY B 96 14.97 4.23 -0.93
CA GLY B 96 14.11 3.20 -0.42
C GLY B 96 13.13 3.70 0.63
N GLY B 97 12.91 5.04 0.70
CA GLY B 97 11.92 5.58 1.59
C GLY B 97 10.54 5.56 0.99
N GLU B 98 9.52 5.63 1.85
CA GLU B 98 8.16 5.57 1.34
C GLU B 98 7.19 6.26 2.30
N ILE B 99 6.20 6.94 1.73
CA ILE B 99 5.16 7.58 2.54
C ILE B 99 4.32 6.52 3.25
N PHE B 100 4.00 6.80 4.52
CA PHE B 100 3.41 5.79 5.41
C PHE B 100 2.21 5.07 4.77
N ASP B 101 1.32 5.84 4.16
CA ASP B 101 0.18 5.25 3.49
C ASP B 101 0.60 4.16 2.50
N GLN B 102 1.61 4.43 1.69
CA GLN B 102 1.99 3.41 0.72
C GLN B 102 2.76 2.28 1.39
N CYS B 103 3.39 2.54 2.53
CA CYS B 103 4.03 1.45 3.27
C CYS B 103 3.00 0.45 3.77
N VAL B 104 1.90 0.96 4.34
CA VAL B 104 0.85 0.10 4.87
C VAL B 104 0.17 -0.68 3.76
N ALA B 105 0.23 -0.19 2.52
CA ALA B 105 -0.32 -0.92 1.38
C ALA B 105 0.68 -1.87 0.74
N ASP B 106 1.97 -1.71 1.05
CA ASP B 106 3.04 -2.55 0.52
C ASP B 106 3.26 -3.80 1.33
N ARG B 107 2.63 -3.89 2.50
CA ARG B 107 2.92 -4.95 3.45
C ARG B 107 2.00 -6.15 3.20
N GLU B 108 2.46 -7.32 3.62
CA GLU B 108 1.67 -8.54 3.55
C GLU B 108 1.05 -8.89 4.90
N GLU B 109 1.13 -7.98 5.86
CA GLU B 109 0.52 -8.02 7.19
C GLU B 109 0.61 -6.61 7.75
N ALA B 110 -0.42 -6.18 8.49
CA ALA B 110 -0.44 -4.82 9.05
C ALA B 110 0.78 -4.55 9.92
N PHE B 111 1.01 -3.28 10.26
CA PHE B 111 2.09 -2.96 11.20
C PHE B 111 1.74 -3.51 12.57
N LYS B 112 2.59 -4.39 13.10
CA LYS B 112 2.37 -4.94 14.43
C LYS B 112 2.53 -3.83 15.48
N GLU B 113 1.98 -4.09 16.67
CA GLU B 113 1.88 -3.05 17.69
C GLU B 113 3.26 -2.56 18.11
N LYS B 114 4.23 -3.49 18.19
CA LYS B 114 5.60 -3.12 18.53
C LYS B 114 6.21 -2.23 17.45
N ASP B 115 5.93 -2.53 16.18
CA ASP B 115 6.39 -1.66 15.10
C ASP B 115 5.84 -0.27 15.24
N VAL B 116 4.56 -0.16 15.62
CA VAL B 116 3.94 1.15 15.82
C VAL B 116 4.54 1.86 17.03
N GLN B 117 4.79 1.12 18.13
CA GLN B 117 5.40 1.75 19.31
C GLN B 117 6.75 2.36 18.98
N ARG B 118 7.47 1.80 18.00
CA ARG B 118 8.75 2.39 17.61
C ARG B 118 8.55 3.67 16.82
N LEU B 119 7.49 3.75 16.02
CA LEU B 119 7.31 4.92 15.16
C LEU B 119 6.73 6.10 15.93
N MET B 120 5.78 5.85 16.85
CA MET B 120 5.21 6.92 17.65
C MET B 120 6.22 7.52 18.63
N ARG B 121 7.21 6.74 19.08
CA ARG B 121 8.24 7.30 19.94
C ARG B 121 9.08 8.32 19.19
N GLN B 122 9.47 8.00 17.96
CA GLN B 122 10.23 8.95 17.14
C GLN B 122 9.36 10.14 16.76
N ILE B 123 8.08 9.89 16.46
CA ILE B 123 7.13 10.97 16.14
C ILE B 123 7.01 11.92 17.31
N LEU B 124 6.90 11.38 18.52
CA LEU B 124 6.70 12.22 19.70
C LEU B 124 7.96 12.98 20.06
N GLU B 125 9.13 12.36 19.84
CA GLU B 125 10.38 13.05 20.11
C GLU B 125 10.57 14.22 19.16
N GLY B 126 10.25 14.02 17.88
CA GLY B 126 10.27 15.15 16.95
C GLY B 126 9.27 16.22 17.36
N VAL B 127 8.05 15.78 17.71
CA VAL B 127 7.04 16.70 18.20
C VAL B 127 7.55 17.44 19.44
N HIS B 128 8.10 16.70 20.40
CA HIS B 128 8.65 17.34 21.58
C HIS B 128 9.75 18.34 21.22
N PHE B 129 10.58 18.01 20.23
CA PHE B 129 11.58 18.97 19.77
C PHE B 129 10.91 20.21 19.18
N LEU B 130 9.93 20.01 18.28
CA LEU B 130 9.28 21.15 17.64
C LEU B 130 8.57 22.03 18.65
N HIS B 131 8.07 21.45 19.74
CA HIS B 131 7.34 22.25 20.73
C HIS B 131 8.28 23.10 21.57
N THR B 132 9.47 22.58 21.87
CA THR B 132 10.45 23.38 22.60
C THR B 132 10.85 24.62 21.84
N ARG B 133 10.89 24.54 20.51
CA ARG B 133 11.26 25.68 19.69
C ARG B 133 10.04 26.47 19.20
N ASP B 134 8.86 26.21 19.76
CA ASP B 134 7.63 26.97 19.57
C ASP B 134 6.94 26.70 18.24
N VAL B 135 7.24 25.60 17.56
CA VAL B 135 6.54 25.27 16.32
C VAL B 135 5.28 24.49 16.67
N VAL B 136 4.13 25.04 16.29
CA VAL B 136 2.85 24.39 16.50
C VAL B 136 2.15 24.21 15.16
N HIS B 137 0.96 23.62 15.21
CA HIS B 137 0.09 23.40 14.06
C HIS B 137 0.73 22.47 13.03
N LEU B 138 1.12 21.29 13.48
CA LEU B 138 1.76 20.33 12.58
C LEU B 138 0.71 19.45 11.89
N ASP B 139 0.93 19.21 10.59
CA ASP B 139 0.06 18.33 9.80
C ASP B 139 0.61 16.93 9.97
N LEU B 140 0.17 16.24 11.00
CA LEU B 140 0.76 14.98 11.43
C LEU B 140 -0.02 13.78 10.91
N LYS B 141 -0.17 13.71 9.61
CA LYS B 141 -0.96 12.72 8.92
C LYS B 141 -0.07 11.58 8.46
N PRO B 142 -0.62 10.39 8.25
CA PRO B 142 0.14 9.38 7.50
C PRO B 142 0.66 9.92 6.17
N GLN B 143 -0.17 10.72 5.48
CA GLN B 143 0.23 11.34 4.23
C GLN B 143 1.48 12.20 4.39
N ASN B 144 1.87 12.51 5.63
CA ASN B 144 2.96 13.42 5.88
C ASN B 144 4.14 12.75 6.59
N ILE B 145 4.05 11.47 6.89
CA ILE B 145 5.11 10.77 7.61
C ILE B 145 5.78 9.84 6.63
N LEU B 146 7.08 10.02 6.44
CA LEU B 146 7.88 9.23 5.54
C LEU B 146 8.71 8.23 6.31
N LEU B 147 8.67 6.97 5.89
CA LEU B 147 9.53 5.93 6.46
C LEU B 147 10.80 5.82 5.62
N THR B 148 11.96 5.87 6.27
CA THR B 148 13.21 5.81 5.51
C THR B 148 13.35 4.47 4.77
N SER B 149 12.76 3.38 5.28
CA SER B 149 12.78 2.11 4.58
C SER B 149 11.62 1.23 5.03
N GLU B 150 11.05 0.49 4.07
CA GLU B 150 9.97 -0.43 4.39
C GLU B 150 10.50 -1.81 4.77
N SER B 151 11.33 -2.39 3.92
CA SER B 151 11.94 -3.69 4.18
C SER B 151 13.45 -3.52 4.18
N PRO B 152 14.09 -3.43 5.37
CA PRO B 152 13.48 -3.52 6.70
C PRO B 152 12.85 -2.20 7.13
N LEU B 153 11.97 -2.24 8.14
CA LEU B 153 11.24 -1.05 8.56
C LEU B 153 12.20 0.04 9.03
N GLY B 154 12.11 1.22 8.38
CA GLY B 154 12.96 2.36 8.69
C GLY B 154 12.43 3.25 9.80
N ASP B 155 12.82 4.51 9.75
CA ASP B 155 12.43 5.48 10.76
C ASP B 155 11.55 6.55 10.14
N ILE B 156 10.82 7.26 10.99
CA ILE B 156 9.96 8.34 10.51
C ILE B 156 10.81 9.56 10.20
N LYS B 157 10.38 10.30 9.19
CA LYS B 157 10.81 11.66 8.95
C LYS B 157 9.58 12.47 8.57
N ILE B 158 9.37 13.61 9.25
CA ILE B 158 8.27 14.51 8.88
C ILE B 158 8.73 15.39 7.73
N VAL B 159 7.87 15.54 6.72
CA VAL B 159 8.28 16.05 5.41
C VAL B 159 7.74 17.44 5.10
N ASP B 160 6.60 17.85 5.64
CA ASP B 160 6.01 19.11 5.21
C ASP B 160 5.55 19.96 6.40
N PHE B 161 5.76 21.27 6.27
CA PHE B 161 5.40 22.20 7.34
C PHE B 161 4.76 23.48 6.83
N GLY B 162 4.17 23.45 5.63
CA GLY B 162 3.70 24.68 5.02
C GLY B 162 2.60 25.38 5.79
N LEU B 163 1.84 24.62 6.58
CA LEU B 163 0.74 25.17 7.37
C LEU B 163 1.03 25.20 8.86
N SER B 164 2.30 25.20 9.25
CA SER B 164 2.62 25.31 10.67
C SER B 164 2.87 26.77 11.04
N ARG B 165 2.79 27.05 12.34
CA ARG B 165 2.94 28.38 12.90
C ARG B 165 3.83 28.32 14.12
N ILE B 166 4.32 29.49 14.53
CA ILE B 166 5.10 29.65 15.77
C ILE B 166 4.18 30.22 16.85
N LEU B 167 4.21 29.62 18.04
CA LEU B 167 3.25 29.93 19.09
C LEU B 167 3.47 31.31 19.66
N LYS B 168 2.39 32.08 19.81
CA LYS B 168 2.42 33.37 20.47
C LYS B 168 1.23 33.46 21.42
N ASN B 169 1.49 33.89 22.66
CA ASN B 169 0.47 33.95 23.72
C ASN B 169 -0.07 35.38 23.79
N SER B 170 -1.18 35.63 23.10
CA SER B 170 -1.85 36.93 23.06
C SER B 170 -0.86 38.07 22.87
N GLU B 171 -0.14 37.99 21.74
CA GLU B 171 0.79 39.04 21.35
C GLU B 171 0.07 40.38 21.15
N GLU B 172 -0.66 40.51 20.04
CA GLU B 172 -1.40 41.73 19.72
C GLU B 172 -2.80 41.75 20.32
N LEU B 173 -3.29 40.60 20.81
CA LEU B 173 -4.58 40.56 21.48
C LEU B 173 -4.67 41.61 22.57
N ARG B 174 -3.59 41.82 23.32
CA ARG B 174 -3.46 42.98 24.19
C ARG B 174 -4.05 44.24 23.54
N GLU B 175 -3.44 44.66 22.43
CA GLU B 175 -3.92 45.84 21.70
C GLU B 175 -5.42 45.80 21.45
N ILE B 176 -5.91 44.72 20.83
CA ILE B 176 -7.32 44.66 20.50
C ILE B 176 -8.18 44.71 21.76
N MET B 177 -7.64 44.26 22.89
CA MET B 177 -8.40 44.26 24.14
C MET B 177 -8.24 45.55 24.94
N GLY B 178 -7.40 46.49 24.49
CA GLY B 178 -7.25 47.76 25.16
C GLY B 178 -8.51 48.62 25.19
N THR B 179 -9.55 48.24 24.45
CA THR B 179 -10.82 48.99 24.37
C THR B 179 -12.00 48.05 24.58
N PRO B 180 -12.23 47.63 25.82
CA PRO B 180 -13.16 46.51 26.08
C PRO B 180 -14.60 46.71 25.61
N GLU B 181 -15.16 47.92 25.80
CA GLU B 181 -16.58 48.13 25.53
C GLU B 181 -16.98 47.62 24.13
N TYR B 182 -16.09 47.80 23.14
CA TYR B 182 -16.37 47.48 21.75
C TYR B 182 -15.80 46.14 21.31
N VAL B 183 -15.19 45.38 22.22
CA VAL B 183 -14.62 44.09 21.87
C VAL B 183 -15.74 43.11 21.51
N ALA B 184 -15.53 42.34 20.44
CA ALA B 184 -16.51 41.34 20.03
C ALA B 184 -16.34 40.06 20.84
N PRO B 185 -17.37 39.21 20.88
CA PRO B 185 -17.25 37.95 21.64
C PRO B 185 -16.10 37.06 21.18
N GLU B 186 -15.80 37.03 19.87
CA GLU B 186 -14.71 36.17 19.41
C GLU B 186 -13.35 36.66 19.89
N ILE B 187 -13.15 37.97 19.98
CA ILE B 187 -11.84 38.53 20.32
C ILE B 187 -11.43 38.14 21.74
N LEU B 188 -12.37 38.08 22.68
CA LEU B 188 -11.95 37.65 24.02
C LEU B 188 -11.95 36.13 24.18
N SER B 189 -12.70 35.40 23.34
CA SER B 189 -12.62 33.95 23.30
C SER B 189 -11.54 33.47 22.35
N TYR B 190 -10.46 34.23 22.20
CA TYR B 190 -9.43 33.90 21.23
C TYR B 190 -8.66 32.68 21.68
N ASP B 191 -9.19 31.49 21.34
CA ASP B 191 -8.63 30.20 21.72
C ASP B 191 -8.05 29.50 20.50
N PRO B 192 -6.95 30.00 19.91
CA PRO B 192 -6.46 29.37 18.68
C PRO B 192 -5.65 28.10 18.96
N ILE B 193 -4.78 27.77 17.99
CA ILE B 193 -3.93 26.60 18.03
C ILE B 193 -2.96 26.62 19.21
N SER B 194 -2.36 25.46 19.49
CA SER B 194 -1.56 25.28 20.69
C SER B 194 -0.82 23.94 20.59
N MET B 195 -0.09 23.58 21.65
CA MET B 195 0.52 22.25 21.71
C MET B 195 -0.48 21.19 22.10
N ALA B 196 -1.49 21.54 22.90
CA ALA B 196 -2.59 20.61 23.13
C ALA B 196 -3.30 20.27 21.83
N THR B 197 -3.28 21.18 20.86
CA THR B 197 -3.91 20.94 19.57
C THR B 197 -3.16 19.87 18.79
N ASP B 198 -1.83 19.94 18.74
CA ASP B 198 -1.04 18.89 18.13
C ASP B 198 -1.19 17.57 18.88
N MET B 199 -1.32 17.64 20.20
CA MET B 199 -1.40 16.41 20.98
C MET B 199 -2.69 15.66 20.69
N TRP B 200 -3.78 16.37 20.41
CA TRP B 200 -5.01 15.71 19.97
C TRP B 200 -4.78 14.92 18.68
N SER B 201 -4.07 15.54 17.71
CA SER B 201 -3.77 14.89 16.45
C SER B 201 -2.82 13.70 16.60
N ILE B 202 -1.88 13.75 17.55
CA ILE B 202 -1.09 12.56 17.82
C ILE B 202 -2.00 11.42 18.26
N GLY B 203 -3.03 11.75 19.05
CA GLY B 203 -3.98 10.72 19.46
C GLY B 203 -4.76 10.16 18.29
N VAL B 204 -5.17 11.01 17.36
CA VAL B 204 -5.84 10.51 16.17
C VAL B 204 -4.88 9.66 15.37
N LEU B 205 -3.65 10.14 15.20
CA LEU B 205 -2.66 9.39 14.45
C LEU B 205 -2.36 8.05 15.12
N THR B 206 -2.16 8.04 16.44
CA THR B 206 -1.94 6.78 17.16
C THR B 206 -3.07 5.80 16.87
N TYR B 207 -4.31 6.28 16.96
CA TYR B 207 -5.48 5.44 16.77
C TYR B 207 -5.45 4.78 15.39
N VAL B 208 -5.10 5.58 14.38
CA VAL B 208 -5.02 5.10 13.00
C VAL B 208 -3.89 4.10 12.83
N MET B 209 -2.71 4.42 13.36
CA MET B 209 -1.55 3.57 13.20
C MET B 209 -1.74 2.19 13.83
N LEU B 210 -2.61 2.05 14.83
CA LEU B 210 -2.75 0.82 15.59
C LEU B 210 -3.87 -0.04 15.06
N THR B 211 -4.95 0.60 14.62
CA THR B 211 -6.17 -0.07 14.17
C THR B 211 -6.40 -0.02 12.66
N GLY B 212 -5.87 0.99 11.97
CA GLY B 212 -6.26 1.24 10.61
C GLY B 212 -7.54 2.03 10.47
N ILE B 213 -8.13 2.50 11.57
CA ILE B 213 -9.43 3.16 11.54
C ILE B 213 -9.23 4.64 11.85
N SER B 214 -9.95 5.48 11.12
CA SER B 214 -9.98 6.89 11.45
C SER B 214 -11.06 7.14 12.51
N PRO B 215 -10.65 7.49 13.73
CA PRO B 215 -11.61 7.57 14.85
C PRO B 215 -12.91 8.30 14.57
N PHE B 216 -12.87 9.41 13.84
CA PHE B 216 -13.99 10.34 13.74
C PHE B 216 -14.55 10.46 12.32
N LEU B 217 -14.03 9.68 11.39
CA LEU B 217 -14.38 9.85 9.99
C LEU B 217 -15.85 9.50 9.75
N GLY B 218 -16.60 10.45 9.22
CA GLY B 218 -17.96 10.22 8.78
C GLY B 218 -18.05 10.04 7.27
N ASN B 219 -19.29 10.04 6.78
CA ASN B 219 -19.50 9.89 5.35
C ASN B 219 -19.08 11.15 4.59
N ASP B 220 -18.95 12.27 5.28
CA ASP B 220 -18.67 13.56 4.66
C ASP B 220 -18.07 14.46 5.73
N LYS B 221 -17.63 15.65 5.31
CA LYS B 221 -17.00 16.60 6.22
C LYS B 221 -17.89 16.90 7.42
N GLN B 222 -19.16 17.26 7.17
CA GLN B 222 -20.06 17.60 8.26
C GLN B 222 -20.23 16.45 9.24
N GLU B 223 -20.39 15.22 8.74
CA GLU B 223 -20.55 14.10 9.66
C GLU B 223 -19.28 13.88 10.47
N THR B 224 -18.11 14.13 9.86
CA THR B 224 -16.86 14.05 10.59
C THR B 224 -16.84 15.07 11.71
N PHE B 225 -17.20 16.33 11.41
CA PHE B 225 -17.14 17.35 12.45
C PHE B 225 -18.11 17.04 13.57
N LEU B 226 -19.33 16.63 13.22
CA LEU B 226 -20.29 16.25 14.25
C LEU B 226 -19.76 15.08 15.10
N ASN B 227 -19.04 14.14 14.47
CA ASN B 227 -18.39 13.11 15.26
C ASN B 227 -17.40 13.71 16.25
N ILE B 228 -16.54 14.62 15.79
CA ILE B 228 -15.55 15.23 16.67
C ILE B 228 -16.22 16.02 17.78
N SER B 229 -17.17 16.87 17.42
CA SER B 229 -17.75 17.76 18.42
C SER B 229 -18.70 17.03 19.35
N GLN B 230 -19.14 15.83 19.00
CA GLN B 230 -19.95 14.97 19.85
C GLN B 230 -19.12 13.88 20.53
N MET B 231 -17.80 13.87 20.30
CA MET B 231 -16.88 12.90 20.90
C MET B 231 -17.34 11.46 20.68
N ASN B 232 -17.78 11.16 19.45
CA ASN B 232 -18.28 9.82 19.12
C ASN B 232 -17.06 8.93 18.88
N LEU B 233 -16.49 8.44 19.99
CA LEU B 233 -15.22 7.72 20.01
C LEU B 233 -15.39 6.31 20.57
N SER B 234 -14.93 5.31 19.81
CA SER B 234 -15.16 3.91 20.12
C SER B 234 -13.83 3.20 20.38
N TYR B 235 -13.68 2.63 21.57
CA TYR B 235 -12.54 1.81 21.92
C TYR B 235 -12.84 0.31 21.91
N SER B 236 -14.05 -0.08 21.50
CA SER B 236 -14.49 -1.47 21.59
C SER B 236 -14.57 -2.15 20.24
N GLU B 237 -13.80 -1.69 19.27
CA GLU B 237 -13.83 -2.31 17.95
C GLU B 237 -12.96 -3.56 17.97
N GLU B 238 -13.34 -4.55 17.13
CA GLU B 238 -12.62 -5.81 17.09
C GLU B 238 -11.13 -5.62 16.88
N GLU B 239 -10.73 -4.50 16.27
CA GLU B 239 -9.31 -4.20 16.06
C GLU B 239 -8.57 -3.91 17.36
N PHE B 240 -9.28 -3.68 18.47
CA PHE B 240 -8.64 -3.48 19.75
C PHE B 240 -8.41 -4.78 20.50
N ASP B 241 -9.12 -5.85 20.13
CA ASP B 241 -9.04 -7.11 20.85
C ASP B 241 -7.63 -7.70 20.84
N VAL B 242 -6.76 -7.27 19.93
CA VAL B 242 -5.40 -7.77 19.88
C VAL B 242 -4.38 -6.71 20.28
N LEU B 243 -4.82 -5.60 20.86
CA LEU B 243 -3.91 -4.56 21.34
C LEU B 243 -3.88 -4.57 22.87
N SER B 244 -2.88 -3.90 23.43
CA SER B 244 -2.64 -3.94 24.87
C SER B 244 -3.49 -2.92 25.62
N GLU B 245 -3.68 -3.18 26.92
CA GLU B 245 -4.39 -2.22 27.77
C GLU B 245 -3.68 -0.86 27.73
N SER B 246 -2.35 -0.88 27.86
CA SER B 246 -1.57 0.36 27.83
C SER B 246 -1.79 1.15 26.55
N ALA B 247 -2.05 0.47 25.43
CA ALA B 247 -2.25 1.17 24.17
C ALA B 247 -3.51 2.02 24.21
N VAL B 248 -4.59 1.48 24.79
CA VAL B 248 -5.84 2.21 24.83
C VAL B 248 -5.78 3.31 25.89
N ASP B 249 -5.18 3.03 27.05
CA ASP B 249 -5.05 4.06 28.08
C ASP B 249 -4.17 5.20 27.62
N PHE B 250 -3.30 4.97 26.62
CA PHE B 250 -2.49 6.05 26.06
C PHE B 250 -3.33 6.95 25.15
N ILE B 251 -4.13 6.36 24.27
CA ILE B 251 -5.01 7.16 23.41
C ILE B 251 -6.02 7.94 24.26
N ARG B 252 -6.56 7.32 25.31
CA ARG B 252 -7.47 8.06 26.18
C ARG B 252 -6.78 9.24 26.83
N THR B 253 -5.46 9.16 27.00
CA THR B 253 -4.69 10.30 27.49
C THR B 253 -4.70 11.48 26.51
N LEU B 254 -4.86 11.23 25.20
CA LEU B 254 -4.80 12.34 24.26
C LEU B 254 -6.14 12.72 23.65
N LEU B 255 -7.03 11.75 23.44
CA LEU B 255 -8.33 12.04 22.85
C LEU B 255 -9.29 12.52 23.96
N VAL B 256 -8.93 13.67 24.54
CA VAL B 256 -9.67 14.33 25.61
C VAL B 256 -10.23 15.62 25.06
N LYS B 257 -11.53 15.86 25.31
CA LYS B 257 -12.19 17.09 24.86
C LYS B 257 -11.57 18.31 25.52
N LYS B 258 -11.45 18.29 26.84
CA LYS B 258 -10.77 19.35 27.58
C LYS B 258 -9.29 19.36 27.22
N PRO B 259 -8.78 20.41 26.56
CA PRO B 259 -7.36 20.42 26.20
C PRO B 259 -6.44 20.53 27.40
N GLU B 260 -6.91 21.15 28.49
CA GLU B 260 -6.11 21.24 29.70
C GLU B 260 -5.78 19.86 30.27
N ASP B 261 -6.69 18.91 30.10
CA ASP B 261 -6.54 17.56 30.65
C ASP B 261 -5.84 16.62 29.68
N ARG B 262 -5.33 17.15 28.56
CA ARG B 262 -4.59 16.39 27.57
C ARG B 262 -3.11 16.32 27.96
N ALA B 263 -2.47 15.24 27.57
CA ALA B 263 -1.03 15.11 27.79
C ALA B 263 -0.25 16.10 26.92
N THR B 264 1.03 16.22 27.26
CA THR B 264 2.02 16.94 26.49
C THR B 264 2.87 15.92 25.72
N ALA B 265 3.75 16.42 24.86
CA ALA B 265 4.72 15.51 24.24
C ALA B 265 5.69 14.94 25.28
N GLU B 266 6.19 15.80 26.19
CA GLU B 266 7.12 15.31 27.20
C GLU B 266 6.47 14.26 28.09
N GLU B 267 5.23 14.51 28.53
CA GLU B 267 4.59 13.53 29.41
C GLU B 267 4.27 12.25 28.66
N CYS B 268 3.95 12.36 27.37
CA CYS B 268 3.71 11.19 26.55
C CYS B 268 4.93 10.28 26.48
N LEU B 269 6.13 10.86 26.41
CA LEU B 269 7.32 10.02 26.25
C LEU B 269 7.61 9.19 27.49
N LYS B 270 6.93 9.46 28.61
CA LYS B 270 7.13 8.69 29.83
C LYS B 270 5.94 7.77 30.13
N HIS B 271 4.95 7.73 29.25
CA HIS B 271 3.86 6.77 29.41
C HIS B 271 4.40 5.35 29.25
N PRO B 272 3.96 4.41 30.09
CA PRO B 272 4.49 3.03 29.98
C PRO B 272 4.36 2.43 28.60
N TRP B 273 3.35 2.84 27.81
CA TRP B 273 3.21 2.33 26.45
C TRP B 273 4.43 2.65 25.58
N LEU B 274 5.22 3.66 25.95
CA LEU B 274 6.44 4.01 25.23
C LEU B 274 7.72 3.73 26.02
N THR B 275 7.64 3.12 27.20
CA THR B 275 8.80 2.88 28.03
C THR B 275 9.35 1.47 27.83
C1 F8I C . -2.42 -15.73 -0.32
C2 F8I C . -3.34 -15.49 0.88
C3 F8I C . -0.99 -15.32 0.04
C4 F8I C . -2.92 -14.93 -1.52
C5 F8I C . -3.04 -19.42 -0.91
C8 F8I C . -2.42 -22.14 -0.80
C9 F8I C . -1.44 -21.19 -0.59
C6 F8I C . -4.03 -20.38 -1.12
C7 F8I C . -3.72 -21.73 -1.05
C10 F8I C . -1.75 -19.85 -0.65
C11 F8I C . 0.55 -19.14 -0.79
C12 F8I C . 1.26 -19.60 0.44
C13 F8I C . 2.95 -21.28 0.52
C14 F8I C . 3.23 -22.69 0.09
C15 F8I C . 1.36 -24.32 0.21
C16 F8I C . -0.77 -24.11 -0.54
C17 F8I C . -2.04 -23.58 -0.82
C18 F8I C . -2.82 -24.68 -1.18
C19 F8I C . 0.20 -26.28 -0.48
C20 F8I C . 1.34 -25.73 0.01
O1 F8I C . -0.83 -18.86 -0.45
O2 F8I C . 1.58 -20.98 0.28
N F8I C . -2.36 -17.16 -0.66
C F8I C . -3.41 -17.98 -0.95
O F8I C . -4.55 -17.58 -1.20
N1 F8I C . 2.41 -23.67 0.78
N2 F8I C . 0.33 -23.52 -0.07
N3 F8I C . -2.15 -25.83 -1.13
N4 F8I C . -0.86 -25.46 -0.73
C1 F8I D . 4.58 17.01 -0.66
C2 F8I D . 4.33 17.75 0.64
C3 F8I D . 4.92 18.01 -1.77
C4 F8I D . 3.35 16.21 -1.05
C5 F8I D . 7.94 15.19 -0.18
C8 F8I D . 9.94 13.22 -0.23
C9 F8I D . 8.59 12.86 -0.34
C6 F8I D . 9.28 15.53 -0.06
C7 F8I D . 10.26 14.56 -0.09
C10 F8I D . 7.61 13.84 -0.31
C11 F8I D . 5.89 12.15 -0.31
C12 F8I D . 6.07 11.42 -1.62
C13 F8I D . 6.73 9.14 -1.26
C14 F8I D . 7.63 9.08 -2.46
C15 F8I D . 9.96 8.94 -1.64
C16 F8I D . 10.84 10.85 -0.79
C17 F8I D . 10.99 12.19 -0.37
C18 F8I D . 12.33 12.28 0.01
C19 F8I D . 12.23 8.94 -0.95
C20 F8I D . 11.19 8.25 -1.47
O1 F8I D . 6.28 13.54 -0.47
O2 F8I D . 5.66 10.05 -1.49
N F8I D . 5.70 16.04 -0.47
C F8I D . 6.97 16.33 -0.17
O F8I D . 7.35 17.47 0.09
N1 F8I D . 8.86 8.35 -2.16
N2 F8I D . 9.78 10.22 -1.31
N3 F8I D . 12.99 11.13 -0.12
N4 F8I D . 12.04 10.25 -0.63
#